data_6UF6
#
_entry.id   6UF6
#
_cell.length_a   48.792
_cell.length_b   48.792
_cell.length_c   234.271
_cell.angle_alpha   90.000
_cell.angle_beta   90.000
_cell.angle_gamma   120.000
#
_symmetry.space_group_name_H-M   'P 32 2 1'
#
loop_
_entity.id
_entity.type
_entity.pdbx_description
1 polymer 'Polyisoprenyl-teichoic acid--peptidoglycan teichoic acid transferase TagU'
2 non-polymer 'SULFATE ION'
3 non-polymer GLYCEROL
4 water water
#
_entity_poly.entity_id   1
_entity_poly.type   'polypeptide(L)'
_entity_poly.pdbx_seq_one_letter_code
;(MSE)NKKDPFSVLI(MSE)GVDERDGDKGRADTLIY(MSE)TVNPKTNTTD(MSE)VSIPRDTYTKIIGKGT(MSE)DK
INHSYAFGGTQ(MSE)TVDTVENFLDVPVDYFVKVN(MSE)ESFRDVVDTLGGITVNSTFAFSYDGYSFGKGEITLNGKE
ALAYTR(MSE)RKEDPRGDFGRQDRQRQVIQGIINKGANISSITKFGD(MSE)FKVVENNVKTNLTFDN(MSE)WDIQSD
YKGARKHIKQHELKGTGTKINGIYYYQADESALSDITKELKESLEKKLVPRGSAAAALEHHHHHHHH
;
_entity_poly.pdbx_strand_id   A
#
# COMPACT_ATOMS: atom_id res chain seq x y z
N LYS A 4 -14.35 -14.43 -9.61
CA LYS A 4 -14.66 -13.44 -10.65
C LYS A 4 -13.39 -13.00 -11.38
N ASP A 5 -13.41 -11.80 -11.94
CA ASP A 5 -12.38 -11.34 -12.85
C ASP A 5 -11.47 -10.28 -12.23
N PRO A 6 -10.27 -10.08 -12.78
CA PRO A 6 -9.26 -9.23 -12.11
C PRO A 6 -9.78 -7.84 -11.74
N PHE A 7 -9.25 -7.32 -10.63
CA PHE A 7 -9.58 -5.98 -10.13
C PHE A 7 -8.31 -5.33 -9.59
N SER A 8 -8.45 -4.09 -9.11
CA SER A 8 -7.29 -3.35 -8.62
C SER A 8 -7.59 -2.69 -7.28
N VAL A 9 -6.54 -2.48 -6.50
CA VAL A 9 -6.62 -1.94 -5.15
C VAL A 9 -5.47 -0.97 -4.96
N LEU A 10 -5.78 0.22 -4.46
CA LEU A 10 -4.79 1.20 -4.06
C LEU A 10 -4.71 1.22 -2.55
N ILE A 11 -3.55 0.87 -2.00
CA ILE A 11 -3.29 0.98 -0.58
C ILE A 11 -2.65 2.33 -0.33
N GLY A 13 -1.22 4.73 2.80
CA GLY A 13 -0.84 5.05 4.15
C GLY A 13 -0.68 6.54 4.25
N VAL A 14 -1.46 7.15 5.15
CA VAL A 14 -1.62 8.59 5.26
C VAL A 14 -0.97 9.06 6.56
N ASP A 15 -0.43 10.28 6.52
CA ASP A 15 0.14 10.91 7.71
C ASP A 15 -0.60 12.21 8.02
N ARG A 23 0.83 14.20 3.01
CA ARG A 23 0.03 13.39 3.92
C ARG A 23 -0.03 11.93 3.46
N ALA A 24 -0.19 11.69 2.16
CA ALA A 24 -0.32 10.33 1.62
C ALA A 24 1.07 9.80 1.27
N ASP A 25 1.78 9.36 2.32
CA ASP A 25 3.19 9.04 2.13
C ASP A 25 3.45 7.59 1.73
N THR A 26 2.43 6.75 1.62
CA THR A 26 2.65 5.38 1.13
C THR A 26 1.56 5.04 0.13
N LEU A 27 1.95 4.66 -1.07
CA LEU A 27 1.02 4.34 -2.14
C LEU A 27 1.49 3.06 -2.80
N ILE A 28 0.67 2.03 -2.71
CA ILE A 28 0.93 0.73 -3.33
C ILE A 28 -0.24 0.44 -4.26
N TYR A 29 0.00 0.38 -5.56
CA TYR A 29 -1.06 -0.01 -6.47
C TYR A 29 -0.91 -1.48 -6.81
N THR A 31 -2.85 -5.11 -8.67
CA THR A 31 -3.88 -5.81 -9.40
C THR A 31 -3.96 -7.24 -8.93
N VAL A 32 -5.18 -7.76 -8.84
CA VAL A 32 -5.47 -9.10 -8.36
C VAL A 32 -6.24 -9.84 -9.44
N ASN A 33 -5.72 -11.00 -9.84
CA ASN A 33 -6.44 -11.95 -10.69
C ASN A 33 -6.82 -13.13 -9.82
N PRO A 34 -8.07 -13.20 -9.35
CA PRO A 34 -8.48 -14.30 -8.47
C PRO A 34 -8.57 -15.64 -9.19
N LYS A 35 -8.71 -15.63 -10.52
CA LYS A 35 -8.70 -16.88 -11.27
C LYS A 35 -7.32 -17.53 -11.24
N THR A 36 -6.31 -16.81 -11.73
CA THR A 36 -4.96 -17.31 -11.80
C THR A 36 -4.15 -17.03 -10.53
N ASN A 37 -4.82 -16.62 -9.45
CA ASN A 37 -4.20 -16.44 -8.14
C ASN A 37 -3.03 -15.44 -8.18
N THR A 38 -3.03 -14.51 -9.13
CA THR A 38 -1.86 -13.68 -9.34
C THR A 38 -2.09 -12.28 -8.77
N THR A 39 -0.98 -11.62 -8.42
CA THR A 39 -1.02 -10.29 -7.82
C THR A 39 0.17 -9.49 -8.32
N ASP A 40 -0.10 -8.40 -9.03
CA ASP A 40 0.94 -7.46 -9.44
C ASP A 40 0.91 -6.25 -8.53
N VAL A 42 3.04 -2.35 -7.48
CA VAL A 42 4.05 -1.31 -7.71
C VAL A 42 3.92 -0.25 -6.64
N SER A 43 5.05 0.13 -6.05
CA SER A 43 5.12 1.13 -4.99
C SER A 43 5.52 2.48 -5.58
N ILE A 44 4.72 3.50 -5.32
CA ILE A 44 4.96 4.84 -5.83
C ILE A 44 5.66 5.65 -4.75
N PRO A 45 6.89 6.12 -4.98
CA PRO A 45 7.58 6.90 -3.94
C PRO A 45 6.83 8.17 -3.60
N ARG A 46 7.02 8.61 -2.35
CA ARG A 46 6.26 9.73 -1.82
C ARG A 46 6.40 10.98 -2.70
N ASP A 47 7.61 11.30 -3.12
CA ASP A 47 7.89 12.58 -3.75
C ASP A 47 7.58 12.61 -5.24
N THR A 48 7.16 11.49 -5.82
CA THR A 48 6.95 11.36 -7.25
C THR A 48 6.16 12.54 -7.80
N TYR A 49 6.76 13.22 -8.77
CA TYR A 49 6.25 14.48 -9.30
C TYR A 49 5.26 14.18 -10.41
N THR A 50 4.04 14.65 -10.27
CA THR A 50 3.04 14.40 -11.31
C THR A 50 1.91 15.40 -11.17
N LYS A 51 1.04 15.39 -12.17
CA LYS A 51 -0.12 16.26 -12.16
C LYS A 51 -1.12 15.76 -11.13
N ILE A 52 -1.58 16.66 -10.26
CA ILE A 52 -2.62 16.33 -9.30
C ILE A 52 -3.97 16.62 -9.95
N ILE A 53 -4.78 15.59 -10.09
CA ILE A 53 -6.01 15.67 -10.87
C ILE A 53 -7.09 16.36 -10.04
N GLY A 54 -7.83 17.25 -10.67
CA GLY A 54 -8.84 18.03 -9.99
C GLY A 54 -8.38 19.46 -9.82
N LYS A 55 -7.09 19.62 -9.52
CA LYS A 55 -6.49 20.94 -9.44
C LYS A 55 -5.92 21.32 -10.80
N GLY A 56 -4.93 22.20 -10.83
CA GLY A 56 -4.26 22.56 -12.06
C GLY A 56 -2.76 22.66 -11.86
N THR A 57 -2.22 21.78 -11.03
CA THR A 57 -0.85 21.86 -10.57
C THR A 57 -0.18 20.51 -10.72
N ASP A 59 2.66 18.42 -8.66
CA ASP A 59 3.29 18.49 -7.35
C ASP A 59 3.76 17.09 -6.96
N LYS A 60 4.33 16.99 -5.76
CA LYS A 60 4.58 15.70 -5.15
C LYS A 60 3.25 14.96 -4.98
N ILE A 61 3.24 13.67 -5.34
CA ILE A 61 1.98 12.93 -5.34
C ILE A 61 1.40 12.85 -3.94
N ASN A 62 2.25 12.75 -2.92
CA ASN A 62 1.79 12.65 -1.53
C ASN A 62 1.06 13.90 -1.06
N HIS A 63 1.15 15.01 -1.80
CA HIS A 63 0.43 16.22 -1.41
C HIS A 63 -1.00 16.22 -1.94
N SER A 64 -1.31 15.35 -2.90
CA SER A 64 -2.67 15.29 -3.43
C SER A 64 -3.69 15.04 -2.32
N TYR A 65 -3.37 14.14 -1.38
CA TYR A 65 -4.30 13.88 -0.29
C TYR A 65 -4.57 15.14 0.51
N ALA A 66 -3.55 15.96 0.73
CA ALA A 66 -3.74 17.17 1.51
C ALA A 66 -4.60 18.20 0.79
N PHE A 67 -4.77 18.05 -0.53
CA PHE A 67 -5.48 19.04 -1.31
C PHE A 67 -6.92 18.62 -1.62
N GLY A 68 -7.17 17.35 -1.89
CA GLY A 68 -8.51 16.92 -2.26
C GLY A 68 -8.95 15.63 -1.59
N GLY A 69 -8.20 15.20 -0.58
CA GLY A 69 -8.57 13.99 0.12
C GLY A 69 -8.32 12.73 -0.69
N THR A 70 -9.06 11.69 -0.34
CA THR A 70 -8.90 10.38 -0.96
C THR A 70 -9.16 10.44 -2.46
N GLN A 71 -10.30 11.02 -2.86
CA GLN A 71 -10.70 11.02 -4.27
C GLN A 71 -9.65 11.67 -5.16
N THR A 73 -6.44 11.82 -4.53
CA THR A 73 -5.28 10.93 -4.56
C THR A 73 -5.50 9.77 -5.52
N VAL A 74 -6.67 9.15 -5.48
CA VAL A 74 -6.95 8.04 -6.39
C VAL A 74 -6.96 8.51 -7.83
N ASP A 75 -7.53 9.70 -8.09
CA ASP A 75 -7.49 10.23 -9.45
C ASP A 75 -6.07 10.52 -9.91
N THR A 76 -5.24 11.06 -9.01
CA THR A 76 -3.85 11.34 -9.36
C THR A 76 -3.11 10.06 -9.69
N VAL A 77 -3.33 9.02 -8.88
CA VAL A 77 -2.67 7.73 -9.12
C VAL A 77 -3.14 7.13 -10.44
N GLU A 78 -4.43 7.28 -10.76
CA GLU A 78 -4.94 6.76 -12.01
C GLU A 78 -4.30 7.46 -13.20
N ASN A 79 -4.33 8.81 -13.20
CA ASN A 79 -3.73 9.54 -14.32
C ASN A 79 -2.23 9.27 -14.41
N PHE A 80 -1.55 9.07 -13.28
CA PHE A 80 -0.11 8.81 -13.31
C PHE A 80 0.19 7.46 -13.94
N LEU A 81 -0.52 6.41 -13.50
CA LEU A 81 -0.25 5.05 -13.98
C LEU A 81 -1.00 4.70 -15.26
N ASP A 82 -2.05 5.44 -15.60
CA ASP A 82 -2.89 5.18 -16.77
C ASP A 82 -3.57 3.82 -16.66
N VAL A 83 -3.91 3.44 -15.44
CA VAL A 83 -4.80 2.30 -15.19
C VAL A 83 -5.78 2.67 -14.09
N PRO A 84 -6.96 2.06 -14.11
CA PRO A 84 -7.98 2.41 -13.12
C PRO A 84 -7.76 1.68 -11.82
N VAL A 85 -8.15 2.32 -10.74
CA VAL A 85 -8.16 1.70 -9.43
C VAL A 85 -9.61 1.51 -8.99
N ASP A 86 -9.96 0.27 -8.71
CA ASP A 86 -11.33 -0.06 -8.41
C ASP A 86 -11.63 0.03 -6.92
N TYR A 87 -10.70 -0.37 -6.07
CA TYR A 87 -10.91 -0.33 -4.63
C TYR A 87 -9.72 0.32 -3.95
N PHE A 88 -9.91 0.74 -2.71
CA PHE A 88 -8.84 1.40 -1.95
C PHE A 88 -8.91 1.01 -0.49
N VAL A 89 -7.74 1.07 0.16
CA VAL A 89 -7.61 0.88 1.60
C VAL A 89 -6.75 2.03 2.12
N LYS A 90 -7.35 2.94 2.90
CA LYS A 90 -6.62 4.05 3.48
C LYS A 90 -6.43 3.80 4.96
N VAL A 91 -5.20 3.92 5.43
CA VAL A 91 -4.88 3.69 6.83
C VAL A 91 -4.08 4.90 7.34
N ASN A 92 -4.49 5.43 8.48
CA ASN A 92 -3.72 6.46 9.17
C ASN A 92 -2.60 5.76 9.93
N GLU A 94 -0.11 6.93 11.68
CA GLU A 94 0.10 7.44 13.02
C GLU A 94 -0.71 6.66 14.06
N SER A 95 -1.72 5.92 13.63
CA SER A 95 -2.56 5.14 14.53
C SER A 95 -2.22 3.66 14.55
N PHE A 96 -1.14 3.25 13.86
CA PHE A 96 -0.77 1.84 13.75
C PHE A 96 -0.98 1.10 15.08
N ARG A 97 -0.33 1.59 16.13
CA ARG A 97 -0.47 1.11 17.50
C ARG A 97 -1.91 0.71 17.82
N ASP A 98 -2.78 1.72 17.94
CA ASP A 98 -4.17 1.45 18.29
C ASP A 98 -4.74 0.38 17.40
N VAL A 99 -4.58 0.54 16.08
CA VAL A 99 -5.24 -0.37 15.15
C VAL A 99 -4.71 -1.78 15.35
N VAL A 100 -3.38 -1.91 15.46
CA VAL A 100 -2.84 -3.26 15.61
C VAL A 100 -3.25 -3.82 16.96
N ASP A 101 -3.36 -2.96 17.98
CA ASP A 101 -3.80 -3.43 19.28
C ASP A 101 -5.27 -3.83 19.24
N THR A 102 -6.08 -3.19 18.39
CA THR A 102 -7.50 -3.50 18.40
C THR A 102 -7.77 -4.84 17.72
N LEU A 103 -7.04 -5.13 16.65
CA LEU A 103 -6.91 -6.50 16.19
C LEU A 103 -6.06 -7.28 17.17
N GLY A 104 -5.83 -8.56 16.90
CA GLY A 104 -5.09 -9.32 17.90
C GLY A 104 -3.58 -9.21 17.75
N GLY A 105 -3.08 -8.03 17.38
CA GLY A 105 -1.75 -7.93 16.83
C GLY A 105 -1.76 -8.49 15.42
N ILE A 106 -0.69 -8.23 14.68
CA ILE A 106 -0.63 -8.67 13.29
C ILE A 106 0.65 -9.46 13.10
N THR A 107 0.86 -9.95 11.88
CA THR A 107 2.12 -10.58 11.52
C THR A 107 2.62 -9.96 10.24
N VAL A 108 3.93 -9.83 10.13
CA VAL A 108 4.58 -9.30 8.94
C VAL A 108 5.62 -10.30 8.45
N ASN A 109 5.93 -10.21 7.16
CA ASN A 109 6.98 -11.02 6.55
C ASN A 109 8.25 -10.17 6.45
N SER A 110 9.00 -10.11 7.55
CA SER A 110 10.20 -9.28 7.61
C SER A 110 11.29 -9.88 6.72
N THR A 111 11.69 -9.12 5.69
CA THR A 111 12.65 -9.60 4.71
C THR A 111 14.10 -9.40 5.14
N PHE A 112 14.34 -8.78 6.29
CA PHE A 112 15.70 -8.66 6.81
C PHE A 112 15.63 -8.22 8.25
N ALA A 113 16.60 -8.69 9.03
CA ALA A 113 16.63 -8.47 10.47
C ALA A 113 17.35 -7.17 10.80
N PHE A 114 16.87 -6.51 11.85
CA PHE A 114 17.51 -5.31 12.37
C PHE A 114 17.07 -5.12 13.81
N SER A 115 17.57 -4.07 14.43
CA SER A 115 17.18 -3.69 15.78
C SER A 115 16.82 -2.21 15.78
N TYR A 116 15.82 -1.86 16.58
CA TYR A 116 15.33 -0.49 16.64
C TYR A 116 14.41 -0.29 17.84
N ASP A 117 14.61 0.80 18.57
CA ASP A 117 13.72 1.20 19.66
C ASP A 117 13.47 0.05 20.64
N GLY A 118 14.53 -0.67 20.97
CA GLY A 118 14.47 -1.72 21.96
C GLY A 118 14.04 -3.08 21.44
N TYR A 119 13.62 -3.17 20.19
CA TYR A 119 13.22 -4.45 19.63
C TYR A 119 14.27 -4.94 18.63
N SER A 120 14.29 -6.25 18.40
CA SER A 120 15.17 -6.84 17.41
C SER A 120 14.32 -7.73 16.52
N PHE A 121 13.95 -7.20 15.35
CA PHE A 121 13.11 -7.91 14.39
C PHE A 121 13.98 -8.86 13.58
N GLY A 122 13.62 -10.14 13.59
CA GLY A 122 14.34 -11.14 12.81
C GLY A 122 13.75 -11.28 11.42
N LYS A 123 14.41 -12.13 10.62
CA LYS A 123 13.96 -12.41 9.27
C LYS A 123 12.97 -13.56 9.28
N GLY A 124 11.83 -13.36 8.62
CA GLY A 124 10.79 -14.37 8.53
C GLY A 124 9.44 -13.79 8.94
N GLU A 125 8.48 -14.69 9.15
CA GLU A 125 7.14 -14.30 9.59
C GLU A 125 7.17 -14.05 11.09
N ILE A 126 6.96 -12.80 11.50
CA ILE A 126 7.04 -12.45 12.91
C ILE A 126 5.77 -11.73 13.31
N THR A 127 5.36 -11.96 14.56
CA THR A 127 4.13 -11.41 15.12
C THR A 127 4.45 -10.14 15.89
N LEU A 128 3.68 -9.10 15.65
CA LEU A 128 3.92 -7.77 16.19
C LEU A 128 2.69 -7.28 16.92
N ASN A 129 2.89 -6.67 18.08
CA ASN A 129 1.82 -5.91 18.72
C ASN A 129 1.88 -4.46 18.22
N GLY A 130 1.11 -3.58 18.84
CA GLY A 130 1.00 -2.22 18.35
C GLY A 130 2.31 -1.47 18.41
N LYS A 131 2.97 -1.49 19.57
CA LYS A 131 4.21 -0.75 19.74
C LYS A 131 5.31 -1.32 18.85
N GLU A 132 5.35 -2.65 18.73
CA GLU A 132 6.34 -3.27 17.85
C GLU A 132 6.10 -2.91 16.39
N ALA A 133 4.84 -2.84 15.97
CA ALA A 133 4.54 -2.47 14.59
C ALA A 133 4.93 -1.01 14.33
N LEU A 134 4.59 -0.11 15.26
CA LEU A 134 4.99 1.27 15.10
C LEU A 134 6.50 1.41 14.98
N ALA A 135 7.25 0.72 15.86
CA ALA A 135 8.70 0.79 15.78
C ALA A 135 9.22 0.22 14.46
N TYR A 136 8.71 -0.95 14.07
CA TYR A 136 9.06 -1.58 12.81
C TYR A 136 8.93 -0.60 11.64
N THR A 137 7.91 0.27 11.68
CA THR A 137 7.70 1.20 10.58
C THR A 137 8.45 2.51 10.73
N ARG A 138 8.83 2.89 11.95
CA ARG A 138 9.50 4.18 12.13
C ARG A 138 11.01 4.10 11.86
N ARG A 140 14.47 4.08 10.01
CA ARG A 140 14.81 4.66 8.72
C ARG A 140 16.29 4.48 8.35
N LYS A 141 17.20 4.82 9.25
CA LYS A 141 18.61 4.96 8.86
C LYS A 141 19.27 3.62 8.59
N GLU A 142 18.93 2.59 9.36
CA GLU A 142 19.58 1.28 9.23
C GLU A 142 18.95 0.40 8.16
N ASP A 143 18.11 0.95 7.27
CA ASP A 143 17.52 0.19 6.18
C ASP A 143 18.28 0.50 4.90
N PRO A 144 19.06 -0.43 4.35
CA PRO A 144 19.88 -0.11 3.17
C PRO A 144 19.07 0.21 1.93
N ARG A 145 17.76 -0.03 1.94
CA ARG A 145 16.88 0.34 0.84
C ARG A 145 16.41 1.79 0.91
N GLY A 146 16.75 2.50 1.99
CA GLY A 146 16.37 3.90 2.09
C GLY A 146 14.90 4.05 2.42
N ASP A 147 14.21 4.88 1.63
CA ASP A 147 12.80 5.14 1.86
C ASP A 147 11.89 4.19 1.09
N PHE A 148 12.36 3.56 0.02
CA PHE A 148 11.64 2.41 -0.50
C PHE A 148 11.51 1.34 0.59
N GLY A 149 12.56 1.15 1.40
CA GLY A 149 12.49 0.18 2.46
C GLY A 149 11.49 0.55 3.54
N ARG A 150 11.49 1.82 3.96
CA ARG A 150 10.52 2.28 4.94
C ARG A 150 9.10 2.17 4.41
N GLN A 151 8.90 2.54 3.15
CA GLN A 151 7.58 2.39 2.54
C GLN A 151 7.18 0.92 2.48
N ASP A 152 8.15 0.03 2.23
CA ASP A 152 7.87 -1.40 2.17
C ASP A 152 7.48 -1.94 3.54
N ARG A 153 8.13 -1.47 4.60
CA ARG A 153 7.78 -1.94 5.93
C ARG A 153 6.41 -1.41 6.38
N GLN A 154 6.10 -0.16 6.02
CA GLN A 154 4.75 0.35 6.30
C GLN A 154 3.70 -0.43 5.51
N ARG A 155 4.00 -0.73 4.25
CA ARG A 155 3.10 -1.59 3.47
C ARG A 155 2.93 -2.95 4.14
N GLN A 156 4.00 -3.49 4.71
CA GLN A 156 3.91 -4.77 5.39
C GLN A 156 2.95 -4.68 6.58
N VAL A 157 3.05 -3.63 7.37
CA VAL A 157 2.15 -3.50 8.52
C VAL A 157 0.70 -3.33 8.05
N ILE A 158 0.49 -2.54 6.99
CA ILE A 158 -0.88 -2.35 6.51
C ILE A 158 -1.45 -3.64 5.99
N GLN A 159 -0.65 -4.40 5.24
CA GLN A 159 -1.09 -5.71 4.75
C GLN A 159 -1.31 -6.69 5.89
N GLY A 160 -0.55 -6.57 6.97
CA GLY A 160 -0.80 -7.42 8.13
C GLY A 160 -2.14 -7.10 8.77
N ILE A 161 -2.47 -5.81 8.82
CA ILE A 161 -3.78 -5.39 9.30
C ILE A 161 -4.88 -5.95 8.41
N ILE A 162 -4.68 -5.89 7.10
CA ILE A 162 -5.66 -6.44 6.16
C ILE A 162 -5.82 -7.94 6.37
N ASN A 163 -4.70 -8.66 6.47
CA ASN A 163 -4.74 -10.11 6.67
C ASN A 163 -5.48 -10.46 7.96
N LYS A 164 -5.18 -9.75 9.05
CA LYS A 164 -5.81 -10.05 10.32
C LYS A 164 -7.31 -9.78 10.26
N GLY A 165 -7.70 -8.62 9.73
CA GLY A 165 -9.12 -8.34 9.55
C GLY A 165 -9.82 -9.34 8.65
N ALA A 166 -9.11 -9.86 7.66
CA ALA A 166 -9.72 -10.79 6.71
C ALA A 166 -9.82 -12.19 7.26
N ASN A 167 -9.08 -12.54 8.31
CA ASN A 167 -9.19 -13.87 8.88
C ASN A 167 -10.09 -13.94 10.11
N ILE A 168 -10.96 -12.95 10.30
CA ILE A 168 -11.93 -12.99 11.39
C ILE A 168 -13.16 -13.74 10.91
N SER A 169 -13.44 -14.89 11.50
CA SER A 169 -14.66 -15.61 11.15
C SER A 169 -15.88 -15.13 11.91
N SER A 170 -15.74 -14.71 13.17
CA SER A 170 -16.89 -14.33 13.97
C SER A 170 -17.47 -12.99 13.50
N ILE A 171 -18.76 -13.00 13.17
CA ILE A 171 -19.45 -11.79 12.73
C ILE A 171 -19.41 -10.72 13.81
N THR A 172 -19.62 -11.12 15.06
CA THR A 172 -19.64 -10.16 16.15
C THR A 172 -18.27 -9.54 16.38
N LYS A 173 -17.22 -10.38 16.43
CA LYS A 173 -15.87 -9.87 16.61
C LYS A 173 -15.49 -8.94 15.47
N PHE A 174 -15.86 -9.29 14.24
CA PHE A 174 -15.59 -8.40 13.10
C PHE A 174 -16.33 -7.08 13.26
N GLY A 175 -17.60 -7.12 13.68
CA GLY A 175 -18.35 -5.88 13.79
C GLY A 175 -17.85 -4.96 14.88
N ASP A 176 -17.52 -5.53 16.04
CA ASP A 176 -16.96 -4.72 17.13
C ASP A 176 -15.61 -4.13 16.71
N PHE A 178 -14.57 -3.50 13.68
CA PHE A 178 -14.88 -2.44 12.72
C PHE A 178 -15.31 -1.18 13.44
N LYS A 179 -16.21 -1.31 14.42
CA LYS A 179 -16.69 -0.15 15.16
C LYS A 179 -15.53 0.66 15.70
N VAL A 180 -14.52 0.00 16.25
CA VAL A 180 -13.39 0.76 16.78
C VAL A 180 -12.52 1.31 15.67
N VAL A 181 -12.28 0.51 14.62
CA VAL A 181 -11.18 0.75 13.70
C VAL A 181 -11.57 1.73 12.58
N GLU A 182 -12.85 1.80 12.21
CA GLU A 182 -13.26 2.54 11.02
C GLU A 182 -12.86 4.01 11.08
N ASN A 183 -12.55 4.54 12.26
CA ASN A 183 -12.07 5.92 12.33
C ASN A 183 -10.69 6.07 11.70
N ASN A 184 -9.88 5.01 11.74
CA ASN A 184 -8.51 5.07 11.27
C ASN A 184 -8.25 4.17 10.06
N VAL A 185 -9.28 3.52 9.51
CA VAL A 185 -9.13 2.63 8.36
C VAL A 185 -10.37 2.81 7.50
N LYS A 186 -10.21 3.37 6.31
CA LYS A 186 -11.30 3.56 5.36
C LYS A 186 -11.14 2.59 4.20
N THR A 187 -12.26 2.09 3.68
CA THR A 187 -12.21 1.20 2.53
C THR A 187 -13.58 1.15 1.84
N ASN A 188 -13.55 0.79 0.56
CA ASN A 188 -14.75 0.42 -0.20
C ASN A 188 -14.67 -1.01 -0.73
N LEU A 189 -13.73 -1.81 -0.22
CA LEU A 189 -13.60 -3.20 -0.63
C LEU A 189 -14.89 -3.98 -0.37
N THR A 190 -15.09 -5.04 -1.16
CA THR A 190 -16.09 -6.06 -0.84
C THR A 190 -15.47 -7.08 0.09
N PHE A 191 -16.33 -7.95 0.63
CA PHE A 191 -15.82 -9.07 1.40
C PHE A 191 -14.99 -10.01 0.52
N ASP A 192 -15.53 -10.40 -0.64
CA ASP A 192 -14.82 -11.29 -1.56
C ASP A 192 -13.47 -10.72 -1.95
N ASN A 193 -13.40 -9.42 -2.23
CA ASN A 193 -12.13 -8.85 -2.66
C ASN A 193 -11.13 -8.77 -1.52
N TRP A 195 -10.92 -10.76 0.89
CA TRP A 195 -10.41 -12.12 1.05
C TRP A 195 -9.52 -12.53 -0.12
N ASP A 196 -9.73 -11.94 -1.29
CA ASP A 196 -8.82 -12.19 -2.41
C ASP A 196 -7.43 -11.62 -2.16
N ILE A 197 -7.32 -10.40 -1.60
CA ILE A 197 -6.02 -9.74 -1.48
C ILE A 197 -5.30 -10.17 -0.20
N GLN A 198 -5.77 -11.22 0.45
CA GLN A 198 -5.11 -11.72 1.64
C GLN A 198 -3.82 -12.45 1.24
N SER A 199 -2.82 -12.37 2.11
CA SER A 199 -1.52 -13.01 1.88
C SER A 199 -1.48 -14.45 2.39
N HIS A 207 2.03 -16.36 -8.39
CA HIS A 207 2.04 -15.90 -7.00
C HIS A 207 2.02 -14.38 -6.92
N ILE A 208 3.14 -13.80 -6.49
CA ILE A 208 3.26 -12.35 -6.32
C ILE A 208 4.34 -11.81 -7.24
N LYS A 209 4.16 -10.55 -7.66
CA LYS A 209 5.08 -9.87 -8.58
C LYS A 209 5.14 -8.40 -8.17
N GLN A 210 6.11 -8.08 -7.33
CA GLN A 210 6.36 -6.71 -6.92
C GLN A 210 7.20 -6.00 -7.96
N HIS A 211 6.96 -4.71 -8.13
CA HIS A 211 7.57 -3.94 -9.21
C HIS A 211 8.40 -2.78 -8.66
N GLU A 212 9.40 -2.41 -9.46
CA GLU A 212 10.38 -1.38 -9.12
C GLU A 212 10.11 -0.19 -10.03
N LEU A 213 9.54 0.88 -9.48
CA LEU A 213 9.27 2.05 -10.29
C LEU A 213 10.56 2.84 -10.43
N LYS A 214 11.18 2.73 -11.60
CA LYS A 214 12.49 3.32 -11.85
C LYS A 214 12.36 4.82 -12.06
N GLY A 215 13.37 5.56 -11.59
CA GLY A 215 13.35 7.01 -11.72
C GLY A 215 14.59 7.61 -11.10
N THR A 216 14.61 8.94 -11.04
CA THR A 216 15.75 9.69 -10.52
C THR A 216 15.28 10.85 -9.66
N GLY A 217 15.95 11.02 -8.52
CA GLY A 217 15.71 12.15 -7.64
C GLY A 217 16.72 13.25 -7.91
N THR A 218 16.23 14.50 -7.92
CA THR A 218 17.07 15.65 -8.15
C THR A 218 16.83 16.68 -7.05
N LYS A 219 17.86 17.49 -6.78
CA LYS A 219 17.81 18.50 -5.72
C LYS A 219 18.12 19.86 -6.33
N ILE A 220 17.11 20.71 -6.41
CA ILE A 220 17.32 22.08 -6.87
C ILE A 220 17.26 23.04 -5.69
N ILE A 223 13.42 21.16 -1.63
CA ILE A 223 13.89 21.27 -3.00
C ILE A 223 14.38 19.92 -3.52
N TYR A 224 13.82 18.83 -2.98
CA TYR A 224 14.04 17.50 -3.50
C TYR A 224 12.81 17.07 -4.28
N TYR A 225 13.04 16.52 -5.47
CA TYR A 225 11.98 16.00 -6.32
C TYR A 225 12.38 14.61 -6.81
N TYR A 226 11.38 13.83 -7.16
CA TYR A 226 11.59 12.52 -7.76
C TYR A 226 10.79 12.48 -9.05
N GLN A 227 11.41 11.99 -10.11
CA GLN A 227 10.73 11.90 -11.40
C GLN A 227 10.94 10.52 -11.97
N ALA A 228 9.87 9.93 -12.48
CA ALA A 228 9.91 8.54 -12.90
C ALA A 228 10.47 8.43 -14.30
N ASP A 229 11.22 7.35 -14.53
CA ASP A 229 11.59 6.95 -15.88
C ASP A 229 10.33 6.82 -16.71
N GLU A 230 10.12 7.77 -17.63
CA GLU A 230 8.95 7.76 -18.49
C GLU A 230 8.80 6.42 -19.21
N SER A 231 9.90 5.83 -19.67
CA SER A 231 9.86 4.60 -20.46
C SER A 231 9.50 3.40 -19.59
N ALA A 232 10.16 3.28 -18.42
CA ALA A 232 9.80 2.21 -17.49
C ALA A 232 8.36 2.34 -17.03
N LEU A 233 7.87 3.58 -16.88
CA LEU A 233 6.46 3.79 -16.57
C LEU A 233 5.56 3.24 -17.66
N SER A 234 5.91 3.49 -18.92
CA SER A 234 5.12 2.92 -20.02
C SER A 234 5.11 1.40 -19.94
N ASP A 235 6.27 0.80 -19.62
CA ASP A 235 6.36 -0.66 -19.55
C ASP A 235 5.48 -1.22 -18.43
N ILE A 236 5.55 -0.62 -17.24
CA ILE A 236 4.76 -1.15 -16.13
C ILE A 236 3.27 -0.88 -16.36
N THR A 237 2.91 0.19 -17.06
CA THR A 237 1.52 0.41 -17.39
C THR A 237 1.01 -0.66 -18.34
N LYS A 238 1.81 -1.03 -19.35
CA LYS A 238 1.43 -2.16 -20.20
C LYS A 238 1.25 -3.44 -19.38
N GLU A 239 2.17 -3.69 -18.43
CA GLU A 239 2.07 -4.89 -17.61
C GLU A 239 0.78 -4.91 -16.80
N LEU A 240 0.47 -3.80 -16.12
CA LEU A 240 -0.74 -3.75 -15.29
C LEU A 240 -2.00 -3.84 -16.15
N LYS A 241 -2.02 -3.18 -17.31
CA LYS A 241 -3.14 -3.29 -18.22
C LYS A 241 -3.40 -4.74 -18.59
N GLU A 242 -2.38 -5.44 -19.06
CA GLU A 242 -2.57 -6.84 -19.44
C GLU A 242 -3.01 -7.68 -18.24
N SER A 243 -2.53 -7.34 -17.04
CA SER A 243 -2.97 -8.07 -15.85
C SER A 243 -4.43 -7.80 -15.51
N LEU A 244 -5.00 -6.67 -15.97
CA LEU A 244 -6.36 -6.31 -15.64
C LEU A 244 -7.38 -6.67 -16.72
N GLU A 245 -6.93 -7.30 -17.81
CA GLU A 245 -7.82 -7.52 -18.95
C GLU A 245 -8.88 -8.56 -18.64
N LYS A 246 -10.09 -8.31 -19.16
CA LYS A 246 -11.17 -9.29 -19.15
C LYS A 246 -11.19 -9.97 -20.52
N LYS A 247 -10.77 -11.24 -20.55
CA LYS A 247 -10.63 -11.95 -21.81
C LYS A 247 -11.99 -12.43 -22.33
N LEU A 248 -12.31 -12.09 -23.57
CA LEU A 248 -13.54 -12.54 -24.23
C LEU A 248 -13.15 -13.51 -25.34
N VAL A 249 -13.33 -14.79 -25.10
CA VAL A 249 -12.99 -15.84 -26.06
C VAL A 249 -14.26 -16.58 -26.48
N PRO A 250 -14.22 -17.43 -27.52
CA PRO A 250 -15.42 -18.21 -27.84
C PRO A 250 -15.67 -19.36 -26.87
#